data_7QZ2
#
_entry.id   7QZ2
#
_cell.length_a   69.695
_cell.length_b   74.016
_cell.length_c   93.342
_cell.angle_alpha   90.00
_cell.angle_beta   90.00
_cell.angle_gamma   90.00
#
_symmetry.space_group_name_H-M   'C 2 2 21'
#
loop_
_entity.id
_entity.type
_entity.pdbx_description
1 polymer 'Histidine kinase'
2 non-polymer 'CADMIUM ION'
3 non-polymer 'BERYLLIUM TRIFLUORIDE ION'
4 non-polymer 'MAGNESIUM ION'
5 water water
#
_entity_poly.entity_id   1
_entity_poly.type   'polypeptide(L)'
_entity_poly.pdbx_seq_one_letter_code
;MGHHHHHHSSGVDLGTENLYFQSMGRPPRLLCVDDNPANLLLVQTLLSDLGAQVTAVDSGYAALEVVQRERFDLVFMDVQ
MPGMDGRQATEAIRRWEAEREVSPVPVIALTAHALSNEKRALLQAGMDDYLTKPIDEQQLAQVVLKWTGLSLGQSL
;
_entity_poly.pdbx_strand_id   A,B
#
loop_
_chem_comp.id
_chem_comp.type
_chem_comp.name
_chem_comp.formula
BEF non-polymer 'BERYLLIUM TRIFLUORIDE ION' 'Be F3 -1'
CD non-polymer 'CADMIUM ION' 'Cd 2'
MG non-polymer 'MAGNESIUM ION' 'Mg 2'
#
# COMPACT_ATOMS: atom_id res chain seq x y z
N GLY A 25 -17.44 0.93 16.49
CA GLY A 25 -17.50 1.36 15.06
C GLY A 25 -16.59 0.51 14.18
N ARG A 26 -16.74 0.63 12.85
CA ARG A 26 -15.94 -0.14 11.85
C ARG A 26 -14.53 0.43 11.80
N PRO A 27 -13.51 -0.35 11.35
CA PRO A 27 -12.15 0.18 11.26
C PRO A 27 -12.05 1.29 10.22
N PRO A 28 -11.38 2.42 10.55
CA PRO A 28 -11.16 3.49 9.58
C PRO A 28 -10.23 2.99 8.46
N ARG A 29 -10.50 3.39 7.21
CA ARG A 29 -9.63 3.12 6.04
C ARG A 29 -8.79 4.36 5.77
N LEU A 30 -7.47 4.25 6.01
CA LEU A 30 -6.56 5.42 6.05
C LEU A 30 -5.47 5.25 4.99
N LEU A 31 -5.11 6.34 4.32
CA LEU A 31 -3.96 6.43 3.39
C LEU A 31 -2.86 7.25 4.08
N CYS A 32 -1.64 6.71 4.10
CA CYS A 32 -0.40 7.43 4.52
C CYS A 32 0.49 7.65 3.31
N VAL A 33 0.99 8.87 3.15
CA VAL A 33 1.85 9.31 2.01
C VAL A 33 3.12 9.92 2.60
N ASP A 34 4.29 9.34 2.29
CA ASP A 34 5.58 9.87 2.78
C ASP A 34 6.73 9.30 1.94
N ASP A 35 7.66 10.18 1.54
CA ASP A 35 8.83 9.83 0.69
C ASP A 35 9.95 9.23 1.55
N ASN A 36 9.86 9.35 2.88
CA ASN A 36 10.83 8.78 3.85
C ASN A 36 10.31 7.40 4.31
N PRO A 37 10.94 6.28 3.88
CA PRO A 37 10.44 4.95 4.19
C PRO A 37 10.26 4.65 5.69
N ALA A 38 11.17 5.13 6.54
CA ALA A 38 11.14 4.97 8.01
C ALA A 38 9.94 5.72 8.59
N ASN A 39 9.73 6.97 8.18
CA ASN A 39 8.58 7.82 8.60
C ASN A 39 7.27 7.14 8.18
N LEU A 40 7.22 6.62 6.96
CA LEU A 40 6.00 5.96 6.41
C LEU A 40 5.69 4.69 7.22
N LEU A 41 6.70 3.86 7.46
CA LEU A 41 6.54 2.59 8.23
C LEU A 41 6.05 2.91 9.65
N LEU A 42 6.55 3.98 10.27
CA LEU A 42 6.19 4.38 11.65
C LEU A 42 4.70 4.72 11.71
N VAL A 43 4.21 5.63 10.87
CA VAL A 43 2.78 6.07 10.90
C VAL A 43 1.89 4.87 10.54
N GLN A 44 2.28 4.09 9.53
CA GLN A 44 1.51 2.90 9.05
C GLN A 44 1.38 1.89 10.19
N THR A 45 2.47 1.62 10.92
CA THR A 45 2.54 0.63 12.03
C THR A 45 1.67 1.10 13.20
N LEU A 46 1.79 2.37 13.60
CA LEU A 46 0.96 2.97 14.69
C LEU A 46 -0.53 2.80 14.36
N LEU A 47 -0.94 3.17 13.14
CA LEU A 47 -2.36 3.17 12.73
C LEU A 47 -2.89 1.72 12.65
N SER A 48 -2.13 0.80 12.05
CA SER A 48 -2.49 -0.63 11.90
CA SER A 48 -2.50 -0.63 11.90
C SER A 48 -2.65 -1.29 13.28
N ASP A 49 -1.79 -0.94 14.23
CA ASP A 49 -1.82 -1.50 15.61
C ASP A 49 -3.01 -0.92 16.39
N LEU A 50 -3.46 0.29 16.04
CA LEU A 50 -4.68 0.93 16.61
C LEU A 50 -5.94 0.35 15.95
N GLY A 51 -5.79 -0.46 14.90
CA GLY A 51 -6.88 -1.26 14.30
C GLY A 51 -7.38 -0.69 12.97
N ALA A 52 -6.71 0.34 12.44
CA ALA A 52 -7.04 0.96 11.13
C ALA A 52 -6.61 0.03 9.98
N GLN A 53 -7.34 0.06 8.86
CA GLN A 53 -6.92 -0.58 7.59
C GLN A 53 -6.11 0.45 6.80
N VAL A 54 -4.79 0.26 6.72
CA VAL A 54 -3.85 1.31 6.22
C VAL A 54 -3.32 0.91 4.84
N THR A 55 -3.42 1.84 3.89
CA THR A 55 -2.67 1.86 2.61
C THR A 55 -1.54 2.87 2.76
N ALA A 56 -0.32 2.52 2.35
CA ALA A 56 0.88 3.39 2.46
C ALA A 56 1.51 3.53 1.07
N VAL A 57 1.75 4.77 0.64
CA VAL A 57 2.40 5.08 -0.67
C VAL A 57 3.53 6.08 -0.44
N ASP A 58 4.49 6.13 -1.38
CA ASP A 58 5.82 6.76 -1.16
C ASP A 58 5.91 8.11 -1.89
N SER A 59 4.84 8.61 -2.50
CA SER A 59 4.88 9.85 -3.33
C SER A 59 3.50 10.49 -3.48
N GLY A 60 3.50 11.78 -3.84
CA GLY A 60 2.29 12.53 -4.24
C GLY A 60 1.64 11.93 -5.48
N TYR A 61 2.46 11.51 -6.44
CA TYR A 61 2.01 10.83 -7.68
C TYR A 61 1.19 9.59 -7.32
N ALA A 62 1.71 8.75 -6.42
CA ALA A 62 1.02 7.54 -5.91
C ALA A 62 -0.25 7.93 -5.16
N ALA A 63 -0.21 8.98 -4.32
CA ALA A 63 -1.36 9.47 -3.54
C ALA A 63 -2.54 9.78 -4.47
N LEU A 64 -2.29 10.53 -5.55
CA LEU A 64 -3.35 10.87 -6.53
C LEU A 64 -3.93 9.56 -7.11
N GLU A 65 -3.07 8.66 -7.60
CA GLU A 65 -3.50 7.42 -8.31
C GLU A 65 -4.35 6.56 -7.37
N VAL A 66 -3.93 6.37 -6.11
CA VAL A 66 -4.62 5.49 -5.13
C VAL A 66 -5.93 6.16 -4.64
N VAL A 67 -5.99 7.49 -4.53
CA VAL A 67 -7.24 8.19 -4.12
C VAL A 67 -8.28 8.09 -5.27
N GLN A 68 -7.84 8.05 -6.53
CA GLN A 68 -8.76 7.79 -7.67
C GLN A 68 -9.35 6.37 -7.54
N ARG A 69 -8.52 5.39 -7.17
CA ARG A 69 -8.90 3.95 -7.15
C ARG A 69 -9.77 3.64 -5.94
N GLU A 70 -9.40 4.12 -4.74
CA GLU A 70 -9.94 3.66 -3.43
C GLU A 70 -10.66 4.81 -2.70
N ARG A 71 -11.69 4.48 -1.93
CA ARG A 71 -12.39 5.45 -1.06
C ARG A 71 -11.82 5.31 0.36
N PHE A 72 -11.08 6.32 0.80
CA PHE A 72 -10.50 6.41 2.17
C PHE A 72 -11.37 7.30 3.04
N ASP A 73 -11.35 7.03 4.36
CA ASP A 73 -11.99 7.90 5.39
C ASP A 73 -11.15 9.16 5.57
N LEU A 74 -9.83 9.06 5.42
CA LEU A 74 -8.89 10.16 5.71
C LEU A 74 -7.52 9.84 5.09
N VAL A 75 -6.79 10.89 4.69
CA VAL A 75 -5.41 10.81 4.12
C VAL A 75 -4.45 11.56 5.03
N PHE A 76 -3.35 10.92 5.41
CA PHE A 76 -2.16 11.58 6.02
C PHE A 76 -1.13 11.87 4.93
N MET A 77 -0.88 13.16 4.67
CA MET A 77 -0.09 13.66 3.52
C MET A 77 1.17 14.36 4.04
N ASP A 78 2.33 13.74 3.82
CA ASP A 78 3.65 14.40 3.99
C ASP A 78 3.72 15.61 3.06
N VAL A 79 4.35 16.71 3.51
CA VAL A 79 4.40 17.99 2.74
C VAL A 79 5.62 17.95 1.80
N GLN A 80 6.82 17.72 2.31
CA GLN A 80 8.08 17.77 1.52
C GLN A 80 8.31 16.42 0.84
N MET A 81 8.07 16.37 -0.47
CA MET A 81 8.33 15.19 -1.35
C MET A 81 8.77 15.72 -2.71
N PRO A 82 9.77 15.09 -3.37
CA PRO A 82 10.30 15.61 -4.63
C PRO A 82 9.34 15.39 -5.80
N GLY A 83 9.33 16.33 -6.75
CA GLY A 83 8.49 16.29 -7.96
C GLY A 83 7.10 16.86 -7.69
N MET A 84 6.28 16.12 -6.96
CA MET A 84 4.94 16.56 -6.48
C MET A 84 4.96 16.55 -4.95
N ASP A 85 4.90 17.74 -4.35
CA ASP A 85 4.87 17.89 -2.86
C ASP A 85 3.43 17.66 -2.38
N GLY A 86 3.22 17.68 -1.07
CA GLY A 86 1.91 17.42 -0.43
C GLY A 86 0.83 18.38 -0.89
N ARG A 87 1.16 19.66 -1.04
N ARG A 87 1.16 19.66 -1.04
CA ARG A 87 0.22 20.72 -1.48
CA ARG A 87 0.23 20.73 -1.48
C ARG A 87 -0.21 20.47 -2.93
C ARG A 87 -0.21 20.46 -2.92
N GLN A 88 0.74 20.11 -3.79
CA GLN A 88 0.48 19.79 -5.23
C GLN A 88 -0.36 18.52 -5.33
N ALA A 89 -0.11 17.52 -4.47
CA ALA A 89 -0.85 16.24 -4.46
C ALA A 89 -2.30 16.51 -4.01
N THR A 90 -2.49 17.35 -2.99
CA THR A 90 -3.84 17.70 -2.47
C THR A 90 -4.61 18.45 -3.56
N GLU A 91 -3.96 19.41 -4.23
CA GLU A 91 -4.57 20.17 -5.35
C GLU A 91 -5.02 19.19 -6.44
N ALA A 92 -4.16 18.23 -6.79
CA ALA A 92 -4.45 17.19 -7.81
C ALA A 92 -5.70 16.41 -7.40
N ILE A 93 -5.77 15.97 -6.14
CA ILE A 93 -6.92 15.21 -5.56
C ILE A 93 -8.19 16.09 -5.62
N ARG A 94 -8.11 17.36 -5.20
CA ARG A 94 -9.28 18.28 -5.16
C ARG A 94 -9.79 18.50 -6.60
N ARG A 95 -8.87 18.67 -7.56
CA ARG A 95 -9.20 18.90 -9.00
C ARG A 95 -9.91 17.65 -9.54
N TRP A 96 -9.41 16.46 -9.20
CA TRP A 96 -10.00 15.17 -9.66
C TRP A 96 -11.37 14.96 -9.00
N GLU A 97 -11.50 15.23 -7.70
CA GLU A 97 -12.77 15.12 -6.95
C GLU A 97 -13.86 15.98 -7.60
N ALA A 98 -13.55 17.22 -7.97
CA ALA A 98 -14.49 18.17 -8.60
C ALA A 98 -14.85 17.72 -10.02
N GLU A 99 -13.85 17.34 -10.82
CA GLU A 99 -14.02 16.93 -12.25
C GLU A 99 -14.74 15.58 -12.32
N ARG A 100 -14.38 14.63 -11.45
CA ARG A 100 -14.95 13.25 -11.44
C ARG A 100 -16.28 13.24 -10.68
N GLU A 101 -16.41 14.11 -9.67
CA GLU A 101 -17.63 14.33 -8.84
C GLU A 101 -17.73 13.22 -7.79
N VAL A 102 -16.87 13.34 -6.78
CA VAL A 102 -16.69 12.36 -5.67
C VAL A 102 -16.65 13.17 -4.37
N SER A 103 -17.26 12.64 -3.30
CA SER A 103 -17.25 13.30 -1.96
C SER A 103 -15.82 13.54 -1.54
N PRO A 104 -15.46 14.76 -1.07
CA PRO A 104 -14.09 15.08 -0.71
C PRO A 104 -13.61 14.26 0.49
N VAL A 105 -12.36 13.79 0.43
CA VAL A 105 -11.69 13.05 1.54
C VAL A 105 -10.92 14.06 2.40
N PRO A 106 -11.06 13.99 3.74
CA PRO A 106 -10.20 14.77 4.63
C PRO A 106 -8.72 14.47 4.36
N VAL A 107 -7.92 15.53 4.21
CA VAL A 107 -6.44 15.43 3.99
C VAL A 107 -5.77 16.16 5.15
N ILE A 108 -5.01 15.40 5.96
CA ILE A 108 -4.26 15.91 7.14
C ILE A 108 -2.78 15.95 6.74
N ALA A 109 -2.19 17.15 6.73
CA ALA A 109 -0.73 17.37 6.59
C ALA A 109 -0.04 16.67 7.78
N LEU A 110 0.97 15.87 7.49
CA LEU A 110 1.80 15.21 8.54
C LEU A 110 3.26 15.45 8.19
N THR A 111 3.89 16.43 8.83
CA THR A 111 5.13 17.10 8.35
C THR A 111 6.02 17.58 9.50
N ALA A 112 7.31 17.79 9.19
CA ALA A 112 8.31 18.42 10.08
C ALA A 112 8.30 19.94 9.87
N HIS A 113 7.62 20.41 8.81
CA HIS A 113 7.49 21.85 8.44
CA HIS A 113 7.49 21.85 8.47
C HIS A 113 6.04 22.30 8.64
N ALA A 114 5.73 22.89 9.80
CA ALA A 114 4.39 23.39 10.17
C ALA A 114 4.51 24.72 10.93
N LEU A 115 5.31 25.67 10.42
CA LEU A 115 5.31 27.09 10.87
C LEU A 115 3.98 27.72 10.43
N SER A 116 3.64 28.88 11.00
CA SER A 116 2.34 29.59 10.79
C SER A 116 2.07 29.79 9.30
N ASN A 117 3.06 30.26 8.53
CA ASN A 117 2.92 30.56 7.08
C ASN A 117 2.76 29.25 6.29
N GLU A 118 3.42 28.17 6.74
CA GLU A 118 3.34 26.83 6.11
C GLU A 118 1.93 26.27 6.32
N LYS A 119 1.39 26.38 7.54
CA LYS A 119 -0.01 25.97 7.88
C LYS A 119 -0.99 26.64 6.90
N ARG A 120 -0.88 27.96 6.73
CA ARG A 120 -1.76 28.78 5.86
C ARG A 120 -1.72 28.22 4.43
N ALA A 121 -0.52 27.92 3.91
CA ALA A 121 -0.32 27.42 2.52
C ALA A 121 -0.99 26.04 2.37
N LEU A 122 -0.92 25.20 3.40
CA LEU A 122 -1.49 23.82 3.41
C LEU A 122 -3.02 23.93 3.27
N LEU A 123 -3.65 24.79 4.07
CA LEU A 123 -5.11 25.03 4.05
C LEU A 123 -5.50 25.63 2.69
N GLN A 124 -4.67 26.56 2.17
CA GLN A 124 -4.89 27.20 0.85
C GLN A 124 -4.86 26.14 -0.25
N ALA A 125 -4.06 25.08 -0.10
CA ALA A 125 -3.87 24.00 -1.10
C ALA A 125 -5.03 23.00 -1.05
N GLY A 126 -5.90 23.08 -0.04
CA GLY A 126 -7.11 22.25 0.09
C GLY A 126 -6.98 21.20 1.18
N MET A 127 -5.94 21.27 2.02
CA MET A 127 -5.77 20.38 3.20
C MET A 127 -6.72 20.86 4.31
N ASP A 128 -7.10 19.97 5.21
CA ASP A 128 -8.15 20.22 6.25
C ASP A 128 -7.52 20.51 7.61
N ASP A 129 -6.34 19.97 7.87
CA ASP A 129 -5.70 20.01 9.21
C ASP A 129 -4.23 19.63 9.06
N TYR A 130 -3.48 19.67 10.16
CA TYR A 130 -2.02 19.38 10.17
C TYR A 130 -1.64 18.75 11.52
N LEU A 131 -0.69 17.82 11.45
CA LEU A 131 0.06 17.27 12.62
C LEU A 131 1.55 17.50 12.37
N THR A 132 2.32 17.69 13.44
CA THR A 132 3.80 17.83 13.40
C THR A 132 4.43 16.47 13.72
N LYS A 133 5.48 16.11 12.97
CA LYS A 133 6.36 14.96 13.31
C LYS A 133 7.19 15.36 14.54
N PRO A 134 7.58 14.42 15.41
CA PRO A 134 7.17 13.02 15.31
C PRO A 134 5.73 12.79 15.79
N ILE A 135 5.02 11.85 15.14
CA ILE A 135 3.62 11.51 15.49
C ILE A 135 3.59 10.58 16.71
N ASP A 136 2.42 10.50 17.35
CA ASP A 136 2.11 9.56 18.46
C ASP A 136 0.66 9.07 18.30
N GLU A 137 0.31 7.99 18.99
CA GLU A 137 -1.03 7.33 18.91
C GLU A 137 -2.13 8.33 19.29
N GLN A 138 -1.88 9.19 20.29
CA GLN A 138 -2.87 10.14 20.85
C GLN A 138 -3.28 11.16 19.76
N GLN A 139 -2.30 11.78 19.10
CA GLN A 139 -2.51 12.81 18.04
C GLN A 139 -3.27 12.19 16.86
N LEU A 140 -2.87 10.99 16.42
CA LEU A 140 -3.50 10.25 15.30
C LEU A 140 -4.95 9.94 15.66
N ALA A 141 -5.17 9.33 16.84
CA ALA A 141 -6.50 8.91 17.33
C ALA A 141 -7.46 10.09 17.37
N GLN A 142 -7.01 11.24 17.91
CA GLN A 142 -7.87 12.45 18.09
C GLN A 142 -8.22 13.05 16.72
N VAL A 143 -7.26 13.15 15.80
CA VAL A 143 -7.48 13.80 14.47
C VAL A 143 -8.42 12.90 13.64
N VAL A 144 -8.28 11.58 13.72
CA VAL A 144 -9.18 10.63 12.98
C VAL A 144 -10.60 10.76 13.54
N LEU A 145 -10.75 10.84 14.87
CA LEU A 145 -12.07 11.00 15.53
C LEU A 145 -12.70 12.32 15.09
N LYS A 146 -11.93 13.42 15.17
CA LYS A 146 -12.39 14.80 14.81
C LYS A 146 -13.01 14.83 13.41
N TRP A 147 -12.37 14.18 12.43
CA TRP A 147 -12.68 14.36 10.98
C TRP A 147 -13.57 13.24 10.44
N THR A 148 -13.60 12.05 11.06
CA THR A 148 -14.34 10.88 10.53
C THR A 148 -15.42 10.42 11.51
N GLY A 149 -15.26 10.68 12.82
CA GLY A 149 -16.13 10.16 13.88
C GLY A 149 -15.78 8.73 14.24
N LEU A 150 -14.74 8.16 13.63
CA LEU A 150 -14.29 6.76 13.87
C LEU A 150 -13.22 6.76 14.96
N SER A 151 -13.25 5.76 15.85
CA SER A 151 -12.27 5.67 16.93
C SER A 151 -11.16 4.69 16.56
N LEU A 152 -10.02 4.88 17.20
CA LEU A 152 -8.87 4.03 17.05
C LEU A 152 -8.52 3.47 18.43
N GLY A 153 -7.96 2.27 18.46
CA GLY A 153 -7.54 1.59 19.67
C GLY A 153 -8.43 1.72 20.89
N GLY B 25 22.48 -0.45 -1.36
CA GLY B 25 22.17 -1.48 -0.30
C GLY B 25 20.75 -1.31 0.23
N ARG B 26 19.77 -1.30 -0.66
CA ARG B 26 18.32 -1.17 -0.32
C ARG B 26 17.74 -2.56 -0.03
N PRO B 27 16.75 -2.67 0.89
CA PRO B 27 16.08 -3.95 1.15
C PRO B 27 15.20 -4.38 -0.01
N PRO B 28 14.80 -5.67 -0.10
CA PRO B 28 13.87 -6.13 -1.13
C PRO B 28 12.51 -5.42 -1.03
N ARG B 29 11.93 -5.01 -2.17
CA ARG B 29 10.60 -4.37 -2.23
C ARG B 29 9.57 -5.40 -2.69
N LEU B 30 8.55 -5.66 -1.87
CA LEU B 30 7.59 -6.76 -2.06
C LEU B 30 6.16 -6.20 -2.05
N LEU B 31 5.33 -6.70 -2.97
CA LEU B 31 3.87 -6.43 -3.01
C LEU B 31 3.13 -7.65 -2.47
N CYS B 32 2.13 -7.40 -1.62
N CYS B 32 2.16 -7.45 -1.58
CA CYS B 32 1.14 -8.39 -1.11
CA CYS B 32 1.19 -8.50 -1.17
C CYS B 32 -0.25 -7.98 -1.58
C CYS B 32 -0.24 -8.03 -1.50
N VAL B 33 -1.04 -8.95 -2.03
CA VAL B 33 -2.40 -8.72 -2.58
C VAL B 33 -3.33 -9.72 -1.94
N ASP B 34 -4.40 -9.26 -1.29
CA ASP B 34 -5.37 -10.16 -0.59
C ASP B 34 -6.63 -9.37 -0.26
N ASP B 35 -7.81 -9.93 -0.58
CA ASP B 35 -9.14 -9.33 -0.31
C ASP B 35 -9.55 -9.55 1.16
N ASN B 36 -8.79 -10.35 1.92
CA ASN B 36 -9.04 -10.59 3.37
C ASN B 36 -8.07 -9.74 4.19
N PRO B 37 -8.56 -8.67 4.87
CA PRO B 37 -7.69 -7.77 5.62
C PRO B 37 -6.75 -8.45 6.63
N ALA B 38 -7.24 -9.47 7.35
CA ALA B 38 -6.47 -10.22 8.37
C ALA B 38 -5.35 -11.03 7.70
N ASN B 39 -5.66 -11.75 6.61
CA ASN B 39 -4.66 -12.50 5.80
C ASN B 39 -3.60 -11.53 5.28
N LEU B 40 -4.02 -10.37 4.76
CA LEU B 40 -3.12 -9.35 4.15
C LEU B 40 -2.15 -8.83 5.22
N LEU B 41 -2.66 -8.45 6.39
CA LEU B 41 -1.87 -7.88 7.50
C LEU B 41 -0.85 -8.91 8.02
N LEU B 42 -1.22 -10.19 8.06
CA LEU B 42 -0.33 -11.30 8.51
C LEU B 42 0.90 -11.37 7.61
N VAL B 43 0.71 -11.49 6.29
CA VAL B 43 1.83 -11.67 5.31
CA VAL B 43 1.84 -11.67 5.33
C VAL B 43 2.66 -10.38 5.30
N GLN B 44 2.00 -9.22 5.33
CA GLN B 44 2.64 -7.88 5.34
C GLN B 44 3.58 -7.80 6.55
N THR B 45 3.11 -8.24 7.72
CA THR B 45 3.83 -8.17 9.02
C THR B 45 5.05 -9.09 8.99
N LEU B 46 4.88 -10.34 8.53
CA LEU B 46 5.97 -11.35 8.44
C LEU B 46 7.09 -10.83 7.52
N LEU B 47 6.72 -10.25 6.37
CA LEU B 47 7.71 -9.75 5.37
C LEU B 47 8.43 -8.50 5.91
N SER B 48 7.73 -7.61 6.61
CA SER B 48 8.29 -6.38 7.24
C SER B 48 9.29 -6.77 8.34
N ASP B 49 8.95 -7.78 9.15
CA ASP B 49 9.81 -8.31 10.24
C ASP B 49 11.08 -8.91 9.64
N LEU B 50 10.99 -9.49 8.44
CA LEU B 50 12.15 -10.05 7.68
C LEU B 50 12.98 -8.92 7.07
N GLY B 51 12.51 -7.67 7.13
CA GLY B 51 13.26 -6.47 6.72
C GLY B 51 12.96 -6.02 5.30
N ALA B 52 11.94 -6.59 4.66
CA ALA B 52 11.47 -6.12 3.32
C ALA B 52 10.70 -4.81 3.47
N GLN B 53 10.78 -3.95 2.45
CA GLN B 53 9.87 -2.80 2.20
C GLN B 53 8.61 -3.35 1.54
N VAL B 54 7.48 -3.33 2.23
CA VAL B 54 6.24 -4.05 1.82
C VAL B 54 5.13 -3.05 1.49
N THR B 55 4.48 -3.25 0.34
CA THR B 55 3.22 -2.59 -0.07
C THR B 55 2.12 -3.65 -0.03
N ALA B 56 0.97 -3.32 0.55
CA ALA B 56 -0.20 -4.22 0.70
C ALA B 56 -1.42 -3.56 0.06
N VAL B 57 -2.08 -4.26 -0.87
CA VAL B 57 -3.31 -3.80 -1.58
C VAL B 57 -4.36 -4.91 -1.50
N ASP B 58 -5.62 -4.55 -1.77
CA ASP B 58 -6.83 -5.32 -1.35
C ASP B 58 -7.51 -6.02 -2.53
N SER B 59 -6.98 -5.90 -3.76
CA SER B 59 -7.64 -6.43 -4.98
C SER B 59 -6.65 -6.68 -6.11
N GLY B 60 -7.04 -7.52 -7.07
CA GLY B 60 -6.32 -7.72 -8.34
C GLY B 60 -6.23 -6.42 -9.13
N TYR B 61 -7.31 -5.64 -9.14
CA TYR B 61 -7.38 -4.32 -9.82
C TYR B 61 -6.26 -3.43 -9.28
N ALA B 62 -6.16 -3.36 -7.95
CA ALA B 62 -5.11 -2.61 -7.21
C ALA B 62 -3.72 -3.14 -7.58
N ALA B 63 -3.56 -4.47 -7.62
CA ALA B 63 -2.29 -5.15 -7.97
C ALA B 63 -1.78 -4.67 -9.33
N LEU B 64 -2.63 -4.70 -10.36
CA LEU B 64 -2.26 -4.26 -11.73
C LEU B 64 -1.74 -2.81 -11.68
N GLU B 65 -2.52 -1.92 -11.09
CA GLU B 65 -2.26 -0.45 -11.10
C GLU B 65 -0.95 -0.17 -10.34
N VAL B 66 -0.74 -0.79 -9.18
CA VAL B 66 0.48 -0.52 -8.36
C VAL B 66 1.72 -1.14 -9.02
N VAL B 67 1.59 -2.25 -9.75
CA VAL B 67 2.72 -2.91 -10.45
C VAL B 67 3.14 -2.04 -11.65
N GLN B 68 2.19 -1.34 -12.29
CA GLN B 68 2.51 -0.36 -13.37
C GLN B 68 3.33 0.78 -12.76
N ARG B 69 2.95 1.23 -11.57
CA ARG B 69 3.45 2.49 -10.94
C ARG B 69 4.80 2.26 -10.26
N GLU B 70 4.96 1.16 -9.53
CA GLU B 70 6.12 0.92 -8.62
C GLU B 70 6.89 -0.33 -9.07
N ARG B 71 8.21 -0.35 -8.85
CA ARG B 71 9.08 -1.51 -9.17
C ARG B 71 9.19 -2.40 -7.92
N PHE B 72 8.59 -3.60 -7.98
CA PHE B 72 8.71 -4.65 -6.94
C PHE B 72 9.69 -5.72 -7.41
N ASP B 73 10.41 -6.33 -6.47
CA ASP B 73 11.28 -7.52 -6.72
C ASP B 73 10.40 -8.76 -6.88
N LEU B 74 9.25 -8.81 -6.22
CA LEU B 74 8.35 -10.00 -6.20
C LEU B 74 6.96 -9.60 -5.71
N VAL B 75 5.93 -10.28 -6.22
CA VAL B 75 4.49 -10.09 -5.83
C VAL B 75 4.00 -11.38 -5.19
N PHE B 76 3.35 -11.26 -4.04
CA PHE B 76 2.54 -12.33 -3.40
C PHE B 76 1.06 -12.05 -3.71
N MET B 77 0.43 -12.93 -4.49
CA MET B 77 -0.92 -12.73 -5.07
C MET B 77 -1.90 -13.76 -4.49
N ASP B 78 -2.91 -13.28 -3.75
CA ASP B 78 -4.07 -14.11 -3.34
C ASP B 78 -4.81 -14.53 -4.62
N VAL B 79 -5.39 -15.73 -4.63
CA VAL B 79 -6.10 -16.27 -5.83
C VAL B 79 -7.56 -15.81 -5.79
N GLN B 80 -8.33 -16.21 -4.76
CA GLN B 80 -9.79 -15.94 -4.68
C GLN B 80 -10.02 -14.49 -4.24
N MET B 81 -10.39 -13.63 -5.19
CA MET B 81 -10.79 -12.22 -4.99
C MET B 81 -11.93 -11.91 -5.96
N PRO B 82 -12.96 -11.15 -5.54
CA PRO B 82 -14.11 -10.88 -6.40
C PRO B 82 -13.77 -9.93 -7.57
N GLY B 83 -14.41 -10.15 -8.72
CA GLY B 83 -14.22 -9.35 -9.94
C GLY B 83 -13.02 -9.83 -10.74
N MET B 84 -11.81 -9.47 -10.29
CA MET B 84 -10.53 -9.93 -10.87
C MET B 84 -9.81 -10.83 -9.85
N ASP B 85 -9.78 -12.14 -10.10
CA ASP B 85 -9.06 -13.11 -9.22
C ASP B 85 -7.55 -12.96 -9.50
N GLY B 86 -6.72 -13.62 -8.70
CA GLY B 86 -5.24 -13.53 -8.77
C GLY B 86 -4.69 -14.01 -10.10
N ARG B 87 -5.34 -14.99 -10.71
CA ARG B 87 -4.95 -15.52 -12.04
C ARG B 87 -5.20 -14.44 -13.10
N GLN B 88 -6.36 -13.77 -13.05
CA GLN B 88 -6.72 -12.69 -14.00
C GLN B 88 -5.80 -11.49 -13.77
N ALA B 89 -5.47 -11.18 -12.52
CA ALA B 89 -4.55 -10.08 -12.16
C ALA B 89 -3.13 -10.38 -12.68
N THR B 90 -2.67 -11.63 -12.59
CA THR B 90 -1.33 -12.03 -13.10
C THR B 90 -1.32 -11.89 -14.63
N GLU B 91 -2.35 -12.39 -15.31
CA GLU B 91 -2.49 -12.26 -16.79
C GLU B 91 -2.46 -10.77 -17.18
N ALA B 92 -3.15 -9.92 -16.42
CA ALA B 92 -3.21 -8.46 -16.66
C ALA B 92 -1.80 -7.87 -16.58
N ILE B 93 -1.04 -8.22 -15.54
CA ILE B 93 0.36 -7.76 -15.32
C ILE B 93 1.25 -8.24 -16.49
N ARG B 94 1.11 -9.51 -16.89
CA ARG B 94 1.95 -10.13 -17.96
C ARG B 94 1.65 -9.45 -19.30
N ARG B 95 0.38 -9.13 -19.58
CA ARG B 95 -0.04 -8.43 -20.82
C ARG B 95 0.55 -7.01 -20.83
N TRP B 96 0.54 -6.33 -19.68
CA TRP B 96 1.12 -4.96 -19.54
C TRP B 96 2.63 -5.01 -19.71
N GLU B 97 3.31 -5.97 -19.07
CA GLU B 97 4.79 -6.13 -19.18
C GLU B 97 5.19 -6.28 -20.65
N ALA B 98 4.48 -7.15 -21.39
CA ALA B 98 4.74 -7.45 -22.81
C ALA B 98 4.52 -6.21 -23.69
N GLU B 99 3.38 -5.52 -23.54
CA GLU B 99 3.02 -4.34 -24.37
C GLU B 99 3.89 -3.15 -24.00
N ARG B 100 4.12 -2.92 -22.70
CA ARG B 100 4.85 -1.71 -22.20
C ARG B 100 6.35 -1.93 -22.38
N GLU B 101 6.79 -3.20 -22.44
CA GLU B 101 8.21 -3.63 -22.61
C GLU B 101 8.95 -3.32 -21.31
N VAL B 102 8.61 -4.05 -20.25
CA VAL B 102 9.16 -3.92 -18.87
C VAL B 102 9.62 -5.31 -18.41
N SER B 103 10.74 -5.40 -17.69
CA SER B 103 11.26 -6.65 -17.09
C SER B 103 10.16 -7.29 -16.24
N PRO B 104 9.82 -8.58 -16.46
CA PRO B 104 8.77 -9.23 -15.68
C PRO B 104 9.09 -9.30 -14.19
N VAL B 105 8.05 -9.15 -13.35
CA VAL B 105 8.13 -9.36 -11.87
C VAL B 105 7.66 -10.78 -11.57
N PRO B 106 8.40 -11.54 -10.73
CA PRO B 106 7.92 -12.82 -10.22
C PRO B 106 6.61 -12.65 -9.43
N VAL B 107 5.63 -13.51 -9.71
CA VAL B 107 4.31 -13.52 -9.01
C VAL B 107 4.13 -14.88 -8.36
N ILE B 108 3.98 -14.88 -7.03
CA ILE B 108 3.78 -16.10 -6.20
C ILE B 108 2.33 -16.11 -5.72
N ALA B 109 1.57 -17.15 -6.06
CA ALA B 109 0.23 -17.40 -5.51
C ALA B 109 0.36 -17.64 -4.01
N LEU B 110 -0.50 -17.00 -3.21
CA LEU B 110 -0.56 -17.14 -1.74
C LEU B 110 -2.02 -17.38 -1.38
N THR B 111 -2.44 -18.64 -1.30
CA THR B 111 -3.87 -19.07 -1.38
C THR B 111 -4.14 -20.24 -0.43
N ALA B 112 -5.41 -20.36 -0.02
CA ALA B 112 -5.96 -21.50 0.73
C ALA B 112 -6.43 -22.58 -0.26
N HIS B 113 -6.23 -22.20 -1.59
CA HIS B 113 -7.04 -23.13 -2.62
C HIS B 113 -5.85 -23.64 -3.56
N ALA B 114 -5.28 -24.73 -3.19
CA ALA B 114 -4.09 -25.30 -3.87
C ALA B 114 -4.28 -26.80 -4.10
N LEU B 115 -5.44 -27.20 -4.64
CA LEU B 115 -5.68 -28.57 -5.19
C LEU B 115 -4.87 -28.72 -6.48
N SER B 116 -4.51 -29.96 -6.85
CA SER B 116 -3.68 -30.30 -8.03
C SER B 116 -4.08 -29.45 -9.24
N ASN B 117 -5.37 -29.43 -9.59
CA ASN B 117 -5.91 -28.71 -10.77
C ASN B 117 -5.77 -27.19 -10.57
N GLU B 118 -5.86 -26.71 -9.33
CA GLU B 118 -5.71 -25.26 -8.99
C GLU B 118 -4.24 -24.85 -9.19
N LYS B 119 -3.30 -25.65 -8.69
CA LYS B 119 -1.83 -25.41 -8.86
C LYS B 119 -1.50 -25.24 -10.35
N ARG B 120 -2.03 -26.13 -11.20
CA ARG B 120 -1.78 -26.11 -12.67
C ARG B 120 -2.39 -24.85 -13.29
N ALA B 121 -3.60 -24.46 -12.86
CA ALA B 121 -4.32 -23.26 -13.37
C ALA B 121 -3.52 -22.00 -13.02
N LEU B 122 -2.86 -21.98 -11.85
CA LEU B 122 -2.03 -20.83 -11.39
C LEU B 122 -0.84 -20.67 -12.35
N LEU B 123 -0.13 -21.76 -12.65
CA LEU B 123 1.05 -21.75 -13.56
C LEU B 123 0.59 -21.40 -14.98
N GLN B 124 -0.56 -21.91 -15.41
CA GLN B 124 -1.13 -21.62 -16.76
CA GLN B 124 -1.14 -21.62 -16.75
C GLN B 124 -1.41 -20.11 -16.88
N ALA B 125 -1.81 -19.46 -15.78
CA ALA B 125 -2.20 -18.03 -15.72
C ALA B 125 -0.97 -17.11 -15.78
N GLY B 126 0.23 -17.66 -15.64
CA GLY B 126 1.50 -16.90 -15.73
C GLY B 126 2.11 -16.64 -14.36
N MET B 127 1.56 -17.24 -13.31
CA MET B 127 2.14 -17.20 -11.94
C MET B 127 3.34 -18.16 -11.91
N ASP B 128 4.39 -17.82 -11.18
CA ASP B 128 5.69 -18.52 -11.22
C ASP B 128 5.70 -19.69 -10.22
N ASP B 129 4.98 -19.54 -9.11
CA ASP B 129 5.02 -20.48 -7.97
C ASP B 129 3.80 -20.24 -7.08
N TYR B 130 3.65 -21.02 -6.00
CA TYR B 130 2.55 -20.89 -5.02
C TYR B 130 3.07 -21.25 -3.62
N LEU B 131 2.46 -20.62 -2.61
CA LEU B 131 2.53 -21.04 -1.18
C LEU B 131 1.10 -21.24 -0.69
N THR B 132 0.90 -22.16 0.25
CA THR B 132 -0.43 -22.47 0.85
C THR B 132 -0.57 -21.71 2.16
N LYS B 133 -1.76 -21.18 2.44
CA LYS B 133 -2.14 -20.62 3.76
C LYS B 133 -2.41 -21.79 4.71
N PRO B 134 -2.13 -21.66 6.03
CA PRO B 134 -1.49 -20.47 6.60
C PRO B 134 0.01 -20.41 6.29
N ILE B 135 0.52 -19.21 6.02
CA ILE B 135 1.93 -18.94 5.59
C ILE B 135 2.86 -19.08 6.81
N ASP B 136 4.16 -19.32 6.56
CA ASP B 136 5.24 -19.38 7.58
C ASP B 136 6.41 -18.51 7.11
N GLU B 137 7.13 -17.90 8.05
CA GLU B 137 8.21 -16.90 7.80
C GLU B 137 9.35 -17.53 7.00
N GLN B 138 9.66 -18.81 7.27
CA GLN B 138 10.80 -19.55 6.65
C GLN B 138 10.51 -19.78 5.16
N GLN B 139 9.28 -20.17 4.83
CA GLN B 139 8.89 -20.42 3.44
C GLN B 139 8.94 -19.15 2.60
N LEU B 140 8.53 -18.03 3.20
CA LEU B 140 8.53 -16.72 2.56
C LEU B 140 9.94 -16.27 2.21
N ALA B 141 10.86 -16.44 3.13
CA ALA B 141 12.22 -16.06 2.83
C ALA B 141 12.77 -16.92 1.73
N GLN B 142 12.47 -18.21 1.79
CA GLN B 142 12.98 -19.12 0.81
C GLN B 142 12.47 -18.76 -0.60
N VAL B 143 11.19 -18.46 -0.70
CA VAL B 143 10.60 -18.13 -1.97
C VAL B 143 11.23 -16.84 -2.53
N VAL B 144 11.48 -15.86 -1.68
CA VAL B 144 12.10 -14.64 -2.15
C VAL B 144 13.52 -14.90 -2.68
N LEU B 145 14.29 -15.69 -1.96
CA LEU B 145 15.69 -16.05 -2.36
C LEU B 145 15.66 -16.81 -3.69
N LYS B 146 14.77 -17.80 -3.82
CA LYS B 146 14.64 -18.63 -5.05
C LYS B 146 14.37 -17.74 -6.26
N TRP B 147 13.40 -16.83 -6.16
CA TRP B 147 12.83 -16.12 -7.34
C TRP B 147 13.49 -14.76 -7.58
N THR B 148 14.18 -14.18 -6.58
CA THR B 148 14.84 -12.84 -6.72
C THR B 148 16.35 -12.92 -6.49
N GLY B 149 16.84 -13.94 -5.77
CA GLY B 149 18.26 -14.05 -5.36
C GLY B 149 18.58 -13.15 -4.19
N LEU B 150 17.58 -12.48 -3.63
CA LEU B 150 17.73 -11.58 -2.52
C LEU B 150 17.47 -12.27 -1.17
N SER B 151 18.29 -12.00 -0.16
CA SER B 151 18.10 -12.61 1.14
C SER B 151 17.33 -11.71 2.09
N LEU B 152 16.86 -12.28 3.17
CA LEU B 152 16.05 -11.60 4.17
C LEU B 152 16.44 -11.98 5.60
N GLY B 153 15.88 -11.27 6.57
CA GLY B 153 16.12 -11.56 7.98
C GLY B 153 17.56 -11.44 8.41
N GLN B 154 18.10 -12.50 9.02
CA GLN B 154 19.48 -12.44 9.48
C GLN B 154 20.51 -12.21 8.36
N SER B 155 20.24 -12.73 7.18
CA SER B 155 21.10 -12.59 6.02
C SER B 155 20.84 -11.35 5.13
N LEU B 156 19.96 -10.46 5.55
CA LEU B 156 19.71 -9.27 4.73
C LEU B 156 20.94 -8.39 4.67
CD CD C . -10.06 -1.78 -3.34
CD CD D . 7.38 5.50 -5.85
CD CD E . -22.14 16.71 -12.85
BE BEF F . 7.80 16.13 5.37
F1 BEF F . 8.84 15.43 4.15
F2 BEF F . 6.70 17.46 4.99
F3 BEF F . 7.84 15.47 6.99
MG MG G . 8.98 14.04 2.99
BE BEF H . -7.43 -16.92 -1.31
F1 BEF H . -6.62 -17.46 0.15
F2 BEF H . -8.75 -15.78 -1.22
F3 BEF H . -6.89 -17.57 -2.84
MG MG I . -9.11 -14.10 -1.10
#